data_8UOA
#
_entry.id   8UOA
#
_cell.length_a   1.00
_cell.length_b   1.00
_cell.length_c   1.00
_cell.angle_alpha   90.00
_cell.angle_beta   90.00
_cell.angle_gamma   90.00
#
_symmetry.space_group_name_H-M   'P 1'
#
loop_
_entity.id
_entity.type
_entity.pdbx_description
1 polymer 'Synaptic vesicle glycoprotein 2A'
2 polymer Nanobody
3 branched beta-D-mannopyranose-(1-4)-2-acetamido-2-deoxy-beta-D-glucopyranose-(1-4)-2-acetamido-2-deoxy-beta-D-glucopyranose
4 branched 2-acetamido-2-deoxy-beta-D-glucopyranose-(1-4)-2-acetamido-2-deoxy-beta-D-glucopyranose
#
loop_
_entity_poly.entity_id
_entity_poly.type
_entity_poly.pdbx_seq_one_letter_code
_entity_poly.pdbx_strand_id
1 'polypeptide(L)'
;MGYYRGEGTQDEEEGGASSDATEGHDEDDEIYEGEYQGIPRAESGGKGERMADGAPLAGVRGGLSDGEGPPGGRGEAQRR
KEREELAQQYEAILRECGHGRFQWTLYFVLGLALMADGVEVFVVGFVLPSAEKDMCLSDSNKGMLGLIVYLGMMVGAFLW
GGLADRLGRRQCLLISLSVNSVFAFFSSFVQGYGTFLFCRLLSGVGIGGSIPIVFSYFSEFLAQEKRGEHLSWLCMFWMI
GGVYAAAMAWAIIPHYGWSFQMGSAYQFHSWRVFVLVCAFPSVFAIGALTTQPESPRFFLENGKHDEAWMVLKQVHDTNM
RAKGHPERVFSVTHIKTIHQEDELIEIQSDTGTWYQRWGVRALSLGGQVWGNFLSCFGPEYRRITLMMMGVWFTMSFSYY
GLTVWFPDMIRHLQAVDYASRTKVFPGERVEHVTFNFTLENQIHRGGQYFNDKFIGLRLKSVSFEDSLFEECYFEDVTSS
NTFFRNCTFINTVFYNTDLFEYKFVNSRLINSTFLHNKEGCPLDVTGTGEGAYMVYFVSFLGTLAVLPGNIVSALLMDKI
GRLRMLAGSSVMSCVSCFFLSFGNSESAMIALLCLFGGVSIASWNALDVLTVELYPSDKRTTAFGFLNALCKLAAVLGIS
IFTSFVGITKAAPILFASAALALGSSLALKLPETRGQVLQ
;
A
2 'polypeptide(L)'
;QVQLVESGGGLVQPGGSLRLSCAASGSIFNMRVMGWYRQAPGEQRESVASMASGDKTTYADSVKGRFTISRDNAKNTVAL
QMNSLKPEDTAVYYCHAVDLTRNGPRVYWGQGTQVTVSSAAAENLYFQGGSGHHHHHHHHHH
;
B
#
# COMPACT_ATOMS: atom_id res chain seq x y z
N VAL A 424 -29.09 9.75 1.09
CA VAL A 424 -28.35 8.77 1.86
C VAL A 424 -29.33 7.89 2.60
N PHE A 425 -28.91 6.66 2.89
CA PHE A 425 -29.66 5.74 3.74
C PHE A 425 -28.75 5.23 4.85
N PRO A 426 -29.32 4.89 6.00
CA PRO A 426 -28.48 4.43 7.12
C PRO A 426 -27.77 3.14 6.78
N GLY A 427 -26.45 3.13 6.97
CA GLY A 427 -25.66 1.96 6.68
C GLY A 427 -25.75 0.91 7.78
N GLU A 428 -25.49 -0.33 7.39
CA GLU A 428 -25.50 -1.48 8.29
C GLU A 428 -24.10 -2.09 8.37
N ARG A 429 -24.00 -3.20 9.09
CA ARG A 429 -22.74 -3.90 9.24
C ARG A 429 -22.65 -4.98 8.17
N VAL A 430 -21.64 -4.88 7.31
CA VAL A 430 -21.45 -5.79 6.18
C VAL A 430 -20.13 -6.51 6.36
N GLU A 431 -20.16 -7.84 6.29
CA GLU A 431 -18.96 -8.64 6.32
C GLU A 431 -18.36 -8.70 4.92
N HIS A 432 -17.11 -8.24 4.78
CA HIS A 432 -16.42 -8.18 3.50
C HIS A 432 -17.38 -7.70 2.40
N VAL A 433 -17.86 -6.46 2.57
CA VAL A 433 -18.83 -5.91 1.64
C VAL A 433 -18.28 -5.95 0.22
N THR A 434 -17.00 -5.64 0.05
CA THR A 434 -16.34 -5.63 -1.25
C THR A 434 -17.24 -5.00 -2.32
N PHE A 435 -17.75 -3.81 -2.00
CA PHE A 435 -18.65 -3.12 -2.91
C PHE A 435 -17.84 -2.61 -4.09
N ASN A 436 -17.65 -3.45 -5.11
CA ASN A 436 -16.75 -3.16 -6.21
C ASN A 436 -17.38 -2.29 -7.28
N PHE A 437 -18.55 -1.70 -7.01
CA PHE A 437 -19.20 -0.77 -7.91
C PHE A 437 -18.94 0.67 -7.45
N THR A 438 -19.01 1.59 -8.40
CA THR A 438 -18.77 3.01 -8.13
C THR A 438 -20.05 3.68 -7.63
N LEU A 439 -19.88 4.63 -6.73
CA LEU A 439 -20.99 5.30 -6.06
C LEU A 439 -20.99 6.79 -6.39
N GLU A 440 -22.18 7.34 -6.55
CA GLU A 440 -22.37 8.78 -6.71
C GLU A 440 -23.28 9.37 -5.65
N ASN A 441 -23.80 8.56 -4.73
CA ASN A 441 -24.59 9.07 -3.62
C ASN A 441 -23.71 9.92 -2.70
N GLN A 442 -24.33 10.87 -2.01
CA GLN A 442 -23.57 11.84 -1.22
C GLN A 442 -23.03 11.22 0.05
N ILE A 443 -23.91 10.71 0.91
CA ILE A 443 -23.52 10.27 2.24
C ILE A 443 -23.91 8.82 2.43
N HIS A 444 -23.27 8.19 3.41
CA HIS A 444 -23.59 6.83 3.84
C HIS A 444 -23.59 6.76 5.36
N ARG A 445 -24.25 7.74 5.99
CA ARG A 445 -24.24 7.87 7.44
C ARG A 445 -24.61 6.55 8.11
N GLY A 446 -23.83 6.18 9.12
CA GLY A 446 -24.01 4.92 9.81
C GLY A 446 -23.15 3.84 9.19
N GLY A 447 -22.17 3.34 9.95
CA GLY A 447 -21.26 2.35 9.42
C GLY A 447 -20.54 1.54 10.47
N GLN A 448 -20.51 0.22 10.27
CA GLN A 448 -19.75 -0.68 11.13
C GLN A 448 -18.69 -1.43 10.35
N TYR A 449 -19.05 -2.03 9.23
CA TYR A 449 -18.11 -2.51 8.21
C TYR A 449 -16.93 -3.27 8.84
N PHE A 450 -17.26 -4.39 9.47
CA PHE A 450 -16.24 -5.28 10.01
C PHE A 450 -15.68 -6.16 8.89
N ASN A 451 -14.36 -6.21 8.79
CA ASN A 451 -13.67 -7.01 7.78
C ASN A 451 -14.04 -6.54 6.37
N ASP A 452 -13.89 -5.24 6.13
CA ASP A 452 -14.21 -4.67 4.83
C ASP A 452 -13.18 -5.11 3.79
N LYS A 453 -13.63 -5.25 2.55
CA LYS A 453 -12.79 -5.69 1.44
C LYS A 453 -13.06 -4.86 0.19
N PHE A 454 -13.16 -3.54 0.36
CA PHE A 454 -13.41 -2.67 -0.78
C PHE A 454 -12.23 -2.73 -1.75
N ILE A 455 -12.54 -2.76 -3.05
CA ILE A 455 -11.52 -2.89 -4.07
C ILE A 455 -11.98 -2.16 -5.33
N GLY A 456 -11.11 -1.31 -5.86
CA GLY A 456 -11.32 -0.72 -7.17
C GLY A 456 -12.63 0.03 -7.32
N LEU A 457 -12.97 0.85 -6.34
CA LEU A 457 -14.21 1.63 -6.36
C LEU A 457 -13.88 3.10 -6.55
N ARG A 458 -14.57 3.77 -7.47
CA ARG A 458 -14.29 5.19 -7.82
C ARG A 458 -15.39 6.08 -7.25
N LEU A 459 -15.21 6.59 -6.03
CA LEU A 459 -16.18 7.52 -5.41
C LEU A 459 -15.96 8.91 -6.01
N LYS A 460 -17.03 9.56 -6.47
CA LYS A 460 -17.15 11.04 -6.52
C LYS A 460 -18.27 11.47 -5.57
N SER A 461 -18.20 12.70 -5.08
CA SER A 461 -19.17 13.31 -4.13
C SER A 461 -19.74 12.20 -3.23
N VAL A 462 -18.92 11.61 -2.36
CA VAL A 462 -19.37 10.61 -1.40
C VAL A 462 -18.78 10.95 -0.03
N SER A 463 -19.57 10.73 1.02
CA SER A 463 -19.14 11.00 2.37
C SER A 463 -19.56 9.85 3.29
N PHE A 464 -18.74 9.60 4.31
CA PHE A 464 -19.04 8.63 5.35
C PHE A 464 -19.01 9.34 6.69
N GLU A 465 -20.13 9.32 7.41
CA GLU A 465 -20.24 9.97 8.71
C GLU A 465 -20.74 8.97 9.74
N ASP A 466 -20.19 9.04 10.94
CA ASP A 466 -20.56 8.14 12.03
C ASP A 466 -20.38 6.69 11.62
N SER A 467 -19.30 6.41 10.89
CA SER A 467 -19.00 5.07 10.41
C SER A 467 -17.83 4.47 11.17
N LEU A 468 -17.78 3.15 11.19
CA LEU A 468 -16.75 2.39 11.87
C LEU A 468 -16.12 1.41 10.89
N PHE A 469 -14.82 1.19 11.02
CA PHE A 469 -14.09 0.29 10.13
C PHE A 469 -13.08 -0.48 10.97
N GLU A 470 -13.20 -1.82 10.96
CA GLU A 470 -12.28 -2.69 11.67
C GLU A 470 -11.75 -3.73 10.71
N GLU A 471 -10.42 -3.89 10.66
CA GLU A 471 -9.79 -4.88 9.75
C GLU A 471 -10.27 -4.61 8.32
N CYS A 472 -10.54 -3.35 7.99
CA CYS A 472 -10.94 -3.01 6.63
C CYS A 472 -9.73 -2.90 5.72
N TYR A 473 -9.97 -3.09 4.42
CA TYR A 473 -8.91 -3.06 3.42
C TYR A 473 -9.41 -2.33 2.19
N PHE A 474 -8.68 -1.29 1.78
CA PHE A 474 -8.93 -0.59 0.53
C PHE A 474 -7.81 -0.92 -0.44
N GLU A 475 -8.16 -1.29 -1.67
CA GLU A 475 -7.17 -1.64 -2.68
C GLU A 475 -6.83 -0.44 -3.56
N ASP A 476 -7.83 0.12 -4.24
CA ASP A 476 -7.62 1.24 -5.15
C ASP A 476 -8.91 2.05 -5.23
N VAL A 477 -8.86 3.28 -4.73
CA VAL A 477 -10.00 4.19 -4.79
C VAL A 477 -9.52 5.50 -5.42
N THR A 478 -10.16 5.90 -6.51
CA THR A 478 -9.89 7.19 -7.15
C THR A 478 -10.85 8.25 -6.61
N SER A 479 -10.80 8.41 -5.28
CA SER A 479 -11.74 9.30 -4.62
C SER A 479 -11.47 10.75 -5.01
N SER A 480 -12.55 11.50 -5.22
CA SER A 480 -12.48 12.93 -5.53
C SER A 480 -13.66 13.61 -4.89
N ASN A 481 -13.41 14.70 -4.17
CA ASN A 481 -14.44 15.47 -3.47
C ASN A 481 -15.09 14.67 -2.35
N THR A 482 -14.49 13.56 -1.93
CA THR A 482 -15.03 12.70 -0.90
C THR A 482 -14.16 12.79 0.35
N PHE A 483 -14.80 12.92 1.51
CA PHE A 483 -14.09 13.09 2.77
C PHE A 483 -14.72 12.21 3.83
N PHE A 484 -13.94 11.92 4.86
CA PHE A 484 -14.34 11.06 5.97
C PHE A 484 -14.51 11.92 7.23
N ARG A 485 -15.69 11.87 7.81
CA ARG A 485 -16.01 12.59 9.04
C ARG A 485 -16.50 11.61 10.09
N ASN A 486 -16.03 11.79 11.33
CA ASN A 486 -16.43 10.94 12.44
C ASN A 486 -16.32 9.46 12.05
N CYS A 487 -15.12 9.08 11.60
CA CYS A 487 -14.84 7.71 11.19
C CYS A 487 -13.80 7.12 12.13
N THR A 488 -14.15 6.02 12.79
CA THR A 488 -13.28 5.39 13.78
C THR A 488 -12.59 4.19 13.14
N PHE A 489 -11.57 4.47 12.34
CA PHE A 489 -10.76 3.40 11.79
C PHE A 489 -10.04 2.65 12.91
N ILE A 490 -9.94 1.34 12.77
CA ILE A 490 -9.15 0.53 13.69
C ILE A 490 -8.56 -0.65 12.92
N ASN A 491 -7.23 -0.70 12.85
CA ASN A 491 -6.53 -1.75 12.11
C ASN A 491 -6.96 -1.76 10.65
N THR A 492 -6.68 -0.64 9.97
CA THR A 492 -7.08 -0.44 8.58
C THR A 492 -5.83 -0.20 7.74
N VAL A 493 -5.75 -0.90 6.61
CA VAL A 493 -4.69 -0.74 5.63
C VAL A 493 -5.32 -0.32 4.32
N PHE A 494 -4.77 0.74 3.70
CA PHE A 494 -5.36 1.32 2.49
C PHE A 494 -4.58 1.01 1.22
N TYR A 495 -3.31 0.62 1.32
CA TYR A 495 -2.52 0.23 0.15
C TYR A 495 -2.48 1.41 -0.81
N ASN A 496 -2.99 1.30 -2.04
CA ASN A 496 -3.04 2.42 -2.96
C ASN A 496 -4.37 3.15 -2.79
N THR A 497 -4.31 4.45 -2.52
CA THR A 497 -5.50 5.26 -2.34
C THR A 497 -5.18 6.69 -2.71
N ASP A 498 -6.24 7.49 -2.83
CA ASP A 498 -6.14 8.94 -3.00
C ASP A 498 -6.39 9.69 -1.70
N LEU A 499 -6.40 8.98 -0.57
CA LEU A 499 -6.72 9.59 0.72
C LEU A 499 -5.50 10.28 1.29
N PHE A 500 -5.66 11.54 1.66
CA PHE A 500 -4.65 12.30 2.39
C PHE A 500 -5.34 13.13 3.46
N GLU A 501 -4.54 13.85 4.25
CA GLU A 501 -5.14 14.76 5.23
C GLU A 501 -6.03 15.80 4.55
N TYR A 502 -5.73 16.14 3.30
CA TYR A 502 -6.57 17.06 2.56
C TYR A 502 -7.97 16.50 2.36
N LYS A 503 -8.06 15.22 2.00
CA LYS A 503 -9.33 14.56 1.75
C LYS A 503 -9.86 13.82 2.96
N PHE A 504 -9.29 14.07 4.14
CA PHE A 504 -9.63 13.33 5.36
C PHE A 504 -9.87 14.33 6.48
N VAL A 505 -11.12 14.42 6.93
CA VAL A 505 -11.51 15.37 7.97
C VAL A 505 -11.13 14.78 9.33
N ASN A 506 -11.17 15.61 10.36
CA ASN A 506 -10.82 15.16 11.71
C ASN A 506 -11.70 13.98 12.11
N SER A 507 -11.06 12.96 12.69
CA SER A 507 -11.75 11.77 13.16
C SER A 507 -10.72 10.87 13.84
N ARG A 508 -11.22 9.88 14.55
CA ARG A 508 -10.36 8.99 15.33
C ARG A 508 -9.76 7.91 14.43
N LEU A 509 -8.44 7.82 14.39
CA LEU A 509 -7.73 6.81 13.62
C LEU A 509 -6.67 6.16 14.50
N ILE A 510 -6.65 4.83 14.49
CA ILE A 510 -5.66 4.06 15.25
C ILE A 510 -5.18 2.91 14.39
N ASN A 511 -3.86 2.68 14.41
CA ASN A 511 -3.25 1.60 13.65
C ASN A 511 -3.70 1.64 12.18
N SER A 512 -3.67 2.83 11.61
CA SER A 512 -3.98 3.04 10.20
C SER A 512 -2.70 3.27 9.42
N THR A 513 -2.59 2.62 8.26
CA THR A 513 -1.38 2.67 7.45
C THR A 513 -1.73 3.04 6.02
N PHE A 514 -0.90 3.88 5.42
CA PHE A 514 -1.03 4.33 4.03
C PHE A 514 0.23 3.91 3.29
N LEU A 515 0.23 2.68 2.76
CA LEU A 515 1.44 2.14 2.14
C LEU A 515 1.85 2.96 0.93
N HIS A 516 0.92 3.23 0.02
CA HIS A 516 1.23 3.93 -1.22
C HIS A 516 0.14 4.96 -1.51
N ASN A 517 0.49 5.95 -2.34
CA ASN A 517 -0.41 7.03 -2.68
C ASN A 517 -0.21 7.43 -4.13
N LYS A 518 -1.16 8.19 -4.67
CA LYS A 518 -1.16 8.59 -6.07
C LYS A 518 -1.31 10.11 -6.18
N GLU A 519 -0.93 10.63 -7.34
CA GLU A 519 -0.99 12.06 -7.59
C GLU A 519 -2.42 12.50 -7.84
N GLN B 1 3.08 -13.72 12.58
CA GLN B 1 4.32 -13.19 12.08
C GLN B 1 4.81 -13.96 10.84
N VAL B 2 5.02 -13.24 9.74
CA VAL B 2 5.55 -13.70 8.46
C VAL B 2 7.02 -13.30 8.43
N GLN B 3 7.94 -14.22 8.12
CA GLN B 3 9.32 -13.80 8.10
C GLN B 3 9.66 -13.22 6.77
N LEU B 4 10.15 -11.98 6.75
CA LEU B 4 10.49 -11.38 5.48
C LEU B 4 12.00 -11.46 5.29
N VAL B 5 12.43 -11.50 4.03
CA VAL B 5 13.81 -11.55 3.66
C VAL B 5 14.19 -10.36 2.77
N GLU B 6 15.27 -9.67 3.15
CA GLU B 6 15.83 -8.52 2.44
C GLU B 6 17.16 -8.88 1.77
N SER B 7 17.50 -8.22 0.66
CA SER B 7 18.78 -8.43 -0.04
C SER B 7 19.11 -7.35 -1.06
N GLY B 8 20.22 -7.56 -1.76
CA GLY B 8 20.63 -6.74 -2.92
C GLY B 8 21.31 -5.38 -2.71
N GLY B 9 21.93 -5.14 -1.56
CA GLY B 9 22.56 -3.83 -1.39
C GLY B 9 23.96 -3.77 -2.05
N GLY B 10 24.64 -2.64 -1.91
CA GLY B 10 25.98 -2.44 -2.47
C GLY B 10 26.02 -1.46 -3.65
N LEU B 11 27.23 -1.28 -4.20
CA LEU B 11 27.52 -0.34 -5.31
C LEU B 11 27.25 -0.87 -6.71
N VAL B 12 26.49 -0.08 -7.45
CA VAL B 12 26.17 -0.36 -8.86
C VAL B 12 26.40 0.89 -9.69
N GLN B 13 26.94 0.78 -10.88
CA GLN B 13 27.19 1.95 -11.72
C GLN B 13 25.91 2.43 -12.40
N PRO B 14 25.77 3.71 -12.80
CA PRO B 14 24.65 4.16 -13.56
C PRO B 14 24.80 3.41 -14.85
N GLY B 15 23.72 2.90 -15.38
CA GLY B 15 23.75 2.13 -16.62
C GLY B 15 23.79 0.64 -16.33
N GLY B 16 24.09 0.27 -15.08
CA GLY B 16 24.12 -1.11 -14.64
C GLY B 16 22.83 -1.39 -13.92
N SER B 17 22.72 -2.54 -13.30
CA SER B 17 21.49 -2.87 -12.59
C SER B 17 21.68 -3.79 -11.42
N LEU B 18 20.70 -3.77 -10.53
CA LEU B 18 20.65 -4.67 -9.40
C LEU B 18 19.30 -5.33 -9.26
N ARG B 19 19.32 -6.58 -8.79
CA ARG B 19 18.07 -7.27 -8.49
C ARG B 19 17.90 -7.40 -7.00
N LEU B 20 16.96 -6.64 -6.48
CA LEU B 20 16.68 -6.66 -5.07
C LEU B 20 15.46 -7.50 -4.91
N SER B 21 15.65 -8.68 -4.36
CA SER B 21 14.56 -9.63 -4.28
C SER B 21 13.99 -9.79 -2.86
N CYS B 22 12.66 -9.49 -2.72
CA CYS B 22 11.90 -9.66 -1.49
C CYS B 22 11.45 -11.11 -1.42
N ALA B 23 11.52 -11.69 -0.24
CA ALA B 23 10.99 -13.04 -0.12
C ALA B 23 10.41 -13.24 1.24
N ALA B 24 9.43 -14.11 1.36
CA ALA B 24 8.90 -14.36 2.68
C ALA B 24 8.43 -15.77 2.87
N SER B 25 8.40 -16.19 4.13
CA SER B 25 7.91 -17.51 4.49
C SER B 25 7.23 -17.58 5.85
N GLY B 26 6.16 -18.37 5.91
CA GLY B 26 5.43 -18.61 7.15
C GLY B 26 4.17 -17.78 7.21
N SER B 27 3.05 -18.41 7.53
CA SER B 27 1.78 -17.70 7.65
C SER B 27 1.43 -16.81 6.44
N ILE B 28 1.58 -17.35 5.23
CA ILE B 28 1.25 -16.57 4.04
C ILE B 28 -0.05 -17.06 3.43
N PHE B 29 -1.02 -16.15 3.35
CA PHE B 29 -2.34 -16.50 2.86
C PHE B 29 -2.77 -15.61 1.72
N ASN B 30 -2.26 -15.85 0.51
CA ASN B 30 -2.59 -15.00 -0.63
C ASN B 30 -2.34 -13.52 -0.33
N MET B 31 -1.17 -13.25 0.24
CA MET B 31 -0.75 -11.92 0.65
C MET B 31 -0.46 -10.98 -0.48
N ARG B 32 -0.45 -9.70 -0.15
CA ARG B 32 -0.04 -8.68 -1.07
C ARG B 32 1.47 -8.78 -0.87
N VAL B 33 2.17 -9.23 -1.90
CA VAL B 33 3.58 -9.55 -1.70
C VAL B 33 4.36 -8.26 -1.78
N MET B 34 5.29 -8.15 -0.86
CA MET B 34 6.13 -7.00 -0.60
C MET B 34 6.47 -6.06 -1.74
N GLY B 35 6.13 -4.78 -1.50
CA GLY B 35 6.45 -3.71 -2.43
C GLY B 35 7.71 -3.03 -1.94
N TRP B 36 8.16 -1.99 -2.64
CA TRP B 36 9.38 -1.30 -2.24
C TRP B 36 9.26 0.17 -1.84
N TYR B 37 10.07 0.53 -0.81
CA TYR B 37 10.29 1.89 -0.27
C TYR B 37 11.77 2.34 -0.10
N ARG B 38 12.02 3.64 -0.24
CA ARG B 38 13.35 4.27 -0.05
C ARG B 38 13.48 5.13 1.19
N GLN B 39 14.31 4.70 2.12
CA GLN B 39 14.55 5.41 3.35
C GLN B 39 15.75 6.35 3.22
N ALA B 40 15.56 7.64 3.50
CA ALA B 40 16.62 8.67 3.38
C ALA B 40 17.24 8.95 4.75
N PRO B 41 18.29 9.78 4.84
CA PRO B 41 18.84 10.14 6.15
C PRO B 41 17.71 10.73 7.02
N GLY B 42 16.88 11.61 6.44
CA GLY B 42 15.74 12.19 7.15
C GLY B 42 14.68 11.14 7.45
N GLU B 43 14.02 11.21 8.60
CA GLU B 43 13.02 10.20 8.99
C GLU B 43 11.86 10.23 8.00
N GLN B 44 11.84 9.32 7.02
CA GLN B 44 10.76 9.24 6.00
C GLN B 44 11.07 8.06 5.06
N ARG B 45 10.04 7.43 4.48
CA ARG B 45 10.21 6.29 3.54
C ARG B 45 9.44 6.59 2.25
N GLU B 46 10.13 6.95 1.17
CA GLU B 46 9.48 7.21 -0.12
C GLU B 46 9.00 5.94 -0.82
N SER B 47 7.78 5.94 -1.33
CA SER B 47 7.30 4.78 -2.07
C SER B 47 8.10 4.61 -3.34
N VAL B 48 8.36 3.37 -3.75
CA VAL B 48 9.01 3.15 -5.01
C VAL B 48 8.05 2.55 -5.98
N ALA B 49 7.61 1.34 -5.65
CA ALA B 49 6.76 0.59 -6.56
C ALA B 49 6.17 -0.68 -5.96
N SER B 50 5.06 -1.16 -6.54
CA SER B 50 4.51 -2.47 -6.18
C SER B 50 3.73 -3.24 -7.26
N MET B 51 3.99 -4.55 -7.35
CA MET B 51 3.34 -5.53 -8.28
C MET B 51 2.76 -6.65 -7.42
N ALA B 52 2.46 -6.27 -6.19
CA ALA B 52 2.02 -7.15 -5.11
C ALA B 52 0.75 -7.96 -5.33
N SER B 53 -0.20 -7.46 -6.13
CA SER B 53 -1.47 -8.16 -6.31
C SER B 53 -1.93 -8.19 -7.76
N GLY B 54 -2.35 -9.38 -8.17
CA GLY B 54 -2.79 -9.58 -9.53
C GLY B 54 -1.57 -9.39 -10.38
N ASP B 55 -1.79 -8.91 -11.59
CA ASP B 55 -0.75 -8.64 -12.56
C ASP B 55 -0.63 -7.14 -12.80
N LYS B 56 -1.15 -6.34 -11.87
CA LYS B 56 -1.16 -4.91 -12.09
C LYS B 56 -0.16 -4.21 -11.23
N THR B 57 0.22 -3.01 -11.62
CA THR B 57 1.17 -2.32 -10.79
C THR B 57 1.05 -0.84 -10.73
N THR B 58 1.53 -0.31 -9.61
CA THR B 58 1.65 1.11 -9.42
C THR B 58 3.09 1.43 -9.14
N TYR B 59 3.66 2.31 -9.94
CA TYR B 59 5.02 2.76 -9.74
C TYR B 59 4.92 4.22 -9.40
N ALA B 60 5.80 4.71 -8.55
CA ALA B 60 5.81 6.14 -8.23
C ALA B 60 6.23 6.92 -9.48
N ASP B 61 5.73 8.13 -9.64
CA ASP B 61 6.16 8.89 -10.79
C ASP B 61 7.62 9.29 -10.69
N SER B 62 8.13 9.34 -9.47
CA SER B 62 9.48 9.72 -9.20
C SER B 62 10.48 8.65 -9.61
N VAL B 63 9.98 7.46 -9.96
CA VAL B 63 10.89 6.32 -10.31
C VAL B 63 10.59 5.88 -11.75
N LYS B 64 9.95 6.75 -12.54
CA LYS B 64 9.66 6.42 -13.95
C LYS B 64 10.99 6.10 -14.65
N GLY B 65 11.05 4.96 -15.35
CA GLY B 65 12.30 4.56 -16.04
C GLY B 65 13.46 4.50 -15.08
N ARG B 66 13.26 3.94 -13.89
CA ARG B 66 14.35 3.81 -12.88
C ARG B 66 14.10 2.55 -12.05
N PHE B 67 12.89 2.39 -11.50
CA PHE B 67 12.57 1.18 -10.74
C PHE B 67 11.41 0.38 -11.30
N THR B 68 11.70 -0.87 -11.70
CA THR B 68 10.71 -1.81 -12.29
C THR B 68 10.43 -3.00 -11.38
N ILE B 69 9.16 -3.33 -11.19
CA ILE B 69 8.77 -4.44 -10.34
C ILE B 69 8.11 -5.57 -11.09
N SER B 70 8.60 -6.79 -10.81
CA SER B 70 8.11 -8.06 -11.33
C SER B 70 7.86 -9.04 -10.18
N ARG B 71 6.72 -9.73 -10.18
CA ARG B 71 6.37 -10.64 -9.08
C ARG B 71 6.16 -12.09 -9.49
N ASP B 72 6.51 -13.01 -8.59
CA ASP B 72 6.28 -14.46 -8.82
C ASP B 72 5.58 -15.02 -7.59
N ASN B 73 4.24 -14.98 -7.55
CA ASN B 73 3.48 -15.43 -6.35
C ASN B 73 3.83 -16.88 -6.01
N ALA B 74 3.95 -17.73 -7.03
CA ALA B 74 4.25 -19.16 -6.80
C ALA B 74 5.49 -19.30 -5.91
N LYS B 75 6.18 -18.19 -5.63
CA LYS B 75 7.38 -18.23 -4.83
C LYS B 75 7.28 -17.32 -3.62
N ASN B 76 6.25 -16.46 -3.57
CA ASN B 76 6.10 -15.43 -2.54
C ASN B 76 7.28 -14.47 -2.59
N THR B 77 7.67 -14.09 -3.82
CA THR B 77 8.76 -13.12 -3.98
C THR B 77 8.44 -11.98 -4.95
N VAL B 78 9.11 -10.86 -4.73
CA VAL B 78 9.09 -9.67 -5.60
C VAL B 78 10.46 -9.17 -5.98
N ALA B 79 10.68 -9.00 -7.27
CA ALA B 79 11.98 -8.53 -7.71
C ALA B 79 11.95 -7.10 -8.21
N LEU B 80 12.80 -6.31 -7.59
CA LEU B 80 13.02 -4.95 -7.99
C LEU B 80 14.21 -4.89 -8.87
N GLN B 81 13.97 -4.44 -10.09
CA GLN B 81 14.99 -4.33 -11.09
C GLN B 81 15.43 -2.89 -11.13
N MET B 82 16.57 -2.62 -10.52
CA MET B 82 17.03 -1.28 -10.42
C MET B 82 17.81 -0.92 -11.63
N ASN B 83 17.49 0.18 -12.27
CA ASN B 83 18.18 0.64 -13.46
C ASN B 83 18.26 2.17 -13.41
N SER B 84 18.90 2.81 -14.41
CA SER B 84 18.98 4.29 -14.47
C SER B 84 19.43 4.86 -13.11
N LEU B 85 20.45 4.27 -12.54
CA LEU B 85 20.85 4.66 -11.21
C LEU B 85 21.76 5.84 -11.13
N LYS B 86 21.14 6.99 -11.31
CA LYS B 86 21.77 8.29 -11.25
C LYS B 86 22.50 8.35 -9.91
N PRO B 87 23.79 8.75 -9.83
CA PRO B 87 24.64 8.78 -8.62
C PRO B 87 24.12 9.41 -7.35
N GLU B 88 23.30 10.44 -7.42
CA GLU B 88 22.80 11.03 -6.20
C GLU B 88 21.66 10.23 -5.55
N ASP B 89 20.99 9.39 -6.32
CA ASP B 89 19.80 8.73 -5.81
C ASP B 89 20.06 7.44 -5.07
N THR B 90 20.69 7.56 -3.92
CA THR B 90 21.01 6.40 -3.11
C THR B 90 19.95 6.28 -2.04
N ALA B 91 19.80 5.10 -1.44
CA ALA B 91 18.82 4.93 -0.35
C ALA B 91 18.90 3.57 0.29
N VAL B 92 18.24 3.42 1.44
CA VAL B 92 18.05 2.07 1.96
C VAL B 92 16.71 1.60 1.45
N TYR B 93 16.71 0.46 0.79
CA TYR B 93 15.54 -0.09 0.17
C TYR B 93 14.86 -1.09 1.08
N TYR B 94 13.56 -0.92 1.24
CA TYR B 94 12.75 -1.76 2.10
C TYR B 94 11.61 -2.53 1.44
N CYS B 95 11.34 -3.76 1.95
CA CYS B 95 10.23 -4.62 1.58
C CYS B 95 9.04 -4.39 2.56
N HIS B 96 7.88 -4.08 1.99
CA HIS B 96 6.65 -3.83 2.78
C HIS B 96 5.54 -4.81 2.43
N ALA B 97 5.23 -5.73 3.36
CA ALA B 97 4.27 -6.81 3.13
C ALA B 97 2.90 -6.52 3.72
N VAL B 98 1.82 -6.97 3.06
CA VAL B 98 0.51 -6.82 3.70
C VAL B 98 -0.22 -8.17 3.79
N ASP B 99 -0.59 -8.52 5.02
CA ASP B 99 -1.29 -9.74 5.37
C ASP B 99 -2.77 -9.58 5.14
N LEU B 100 -3.33 -10.43 4.30
CA LEU B 100 -4.73 -10.37 3.91
C LEU B 100 -5.57 -11.50 4.53
N THR B 101 -5.10 -12.05 5.64
CA THR B 101 -5.72 -13.16 6.36
C THR B 101 -7.03 -12.87 7.11
N ARG B 102 -7.58 -13.95 7.65
CA ARG B 102 -8.88 -14.00 8.33
C ARG B 102 -9.00 -13.15 9.59
N ASN B 103 -7.87 -12.78 10.15
CA ASN B 103 -7.84 -11.99 11.35
C ASN B 103 -7.74 -10.50 11.01
N GLY B 104 -7.82 -10.20 9.72
CA GLY B 104 -7.78 -8.86 9.20
C GLY B 104 -6.36 -8.45 8.82
N PRO B 105 -6.18 -7.25 8.26
CA PRO B 105 -4.93 -6.73 7.78
C PRO B 105 -3.85 -6.62 8.83
N ARG B 106 -2.63 -6.97 8.45
CA ARG B 106 -1.43 -6.84 9.31
C ARG B 106 -0.29 -6.46 8.38
N VAL B 107 0.70 -5.71 8.83
CA VAL B 107 1.79 -5.45 7.89
C VAL B 107 3.13 -5.80 8.47
N TYR B 108 4.09 -6.05 7.59
CA TYR B 108 5.43 -6.39 8.03
C TYR B 108 6.48 -5.58 7.27
N TRP B 109 7.56 -5.23 7.96
CA TRP B 109 8.69 -4.54 7.33
C TRP B 109 10.01 -5.24 7.59
N GLY B 110 10.90 -5.21 6.61
CA GLY B 110 12.25 -5.73 6.82
C GLY B 110 13.16 -4.62 7.36
N GLN B 111 14.45 -4.93 7.58
CA GLN B 111 15.40 -3.94 8.08
C GLN B 111 15.96 -3.02 6.97
N GLY B 112 15.79 -3.45 5.73
CA GLY B 112 16.21 -2.76 4.52
C GLY B 112 17.65 -3.01 4.10
N THR B 113 17.96 -2.74 2.83
CA THR B 113 19.34 -2.88 2.33
C THR B 113 19.83 -1.59 1.65
N GLN B 114 21.10 -1.25 1.87
CA GLN B 114 21.64 0.00 1.31
C GLN B 114 22.20 -0.14 -0.09
N VAL B 115 21.71 0.71 -0.97
CA VAL B 115 22.18 0.75 -2.34
C VAL B 115 22.84 2.08 -2.62
N THR B 116 24.05 1.98 -3.16
CA THR B 116 24.89 3.10 -3.51
C THR B 116 25.30 2.99 -4.97
N VAL B 117 25.91 4.05 -5.50
CA VAL B 117 26.23 4.03 -6.91
C VAL B 117 27.72 4.16 -7.21
N SER B 118 28.22 3.24 -8.03
CA SER B 118 29.60 3.15 -8.49
C SER B 118 29.83 4.17 -9.62
N SER B 119 31.06 4.72 -9.73
CA SER B 119 31.45 5.66 -10.79
C SER B 119 32.98 5.73 -10.84
#